data_4NRW
#
_entry.id   4NRW
#
_cell.length_a   39.401
_cell.length_b   121.682
_cell.length_c   79.993
_cell.angle_alpha   90.00
_cell.angle_beta   95.68
_cell.angle_gamma   90.00
#
_symmetry.space_group_name_H-M   'P 1 21 1'
#
loop_
_entity.id
_entity.type
_entity.pdbx_description
1 polymer 'formamidopyrimidine-DNA glycosylase'
2 polymer "5'-D(*GP*TP*AP*GP*AP*CP*CP*TP*GP*GP*AP*CP*G)-3'"
3 polymer "5'-D(*CP*GP*TP*CP*CP*AP*(3DR)P*GP*TP*CP*TP*AP*C)-3'"
4 water water
#
loop_
_entity_poly.entity_id
_entity_poly.type
_entity_poly.pdbx_seq_one_letter_code
_entity_poly.pdbx_strand_id
1 'polypeptide(L)'
;PEGPEVALTADILEKYFKGKTLEYIDFISGRYSKSEPEGYDDFIANLPLKVSNVDTKGKFLWFELFDPNDKSNKWYIWNT
FGLTDMWSLFEAKYTRAVLSFDNELMAYFSDMRNFGTFKFSNSEKELKRKLNELGPDFLKNDDIDISKIKKYKQPIVALL
MDQKKIGSGLGNYLVAEILYRAKIDPHKLGSNLTDQEIENLWYWIKYETKLAYDSNHIGYMVNLENESSKIGRKNYHPNI
HPTEKEFDFLVYRKKKDPNGNKVIADKIIGSGKNKRTTYWAPAIQKLEHHHHHH
;
A,B
2 'polydeoxyribonucleotide' (DG)(DT)(DA)(DG)(DA)(DC)(DC)(DT)(DG)(DG)(DA)(DC)(DG) C,E
3 'polydeoxyribonucleotide' (DC)(DG)(DT)(DC)(DC)(DA)(3DR)(DG)(DT)(DC)(DT)(DA)(DC) D,F
#
# COMPACT_ATOMS: atom_id res chain seq x y z
N PRO A 1 20.46 8.01 -13.83
CA PRO A 1 19.25 8.38 -13.07
C PRO A 1 19.61 9.12 -11.78
N GLU A 2 18.60 9.66 -11.10
CA GLU A 2 18.82 10.43 -9.88
C GLU A 2 17.94 9.93 -8.73
N GLY A 3 17.76 10.79 -7.73
CA GLY A 3 16.98 10.45 -6.54
C GLY A 3 15.62 9.84 -6.81
N PRO A 4 14.68 10.64 -7.35
CA PRO A 4 13.33 10.16 -7.67
C PRO A 4 13.34 8.99 -8.66
N GLU A 5 14.34 8.95 -9.52
CA GLU A 5 14.46 7.89 -10.52
C GLU A 5 14.83 6.57 -9.86
N VAL A 6 15.92 6.58 -9.11
CA VAL A 6 16.42 5.39 -8.42
C VAL A 6 15.40 4.86 -7.42
N ALA A 7 14.78 5.78 -6.68
CA ALA A 7 13.77 5.40 -5.69
C ALA A 7 12.58 4.69 -6.35
N LEU A 8 12.16 5.19 -7.51
CA LEU A 8 11.06 4.59 -8.24
C LEU A 8 11.44 3.22 -8.76
N THR A 9 12.70 3.06 -9.16
CA THR A 9 13.21 1.78 -9.64
C THR A 9 13.14 0.73 -8.53
N ALA A 10 13.46 1.14 -7.32
CA ALA A 10 13.41 0.24 -6.16
C ALA A 10 11.99 -0.24 -5.90
N ASP A 11 11.02 0.66 -6.04
CA ASP A 11 9.62 0.34 -5.84
C ASP A 11 9.15 -0.72 -6.84
N ILE A 12 9.63 -0.60 -8.08
CA ILE A 12 9.30 -1.57 -9.12
C ILE A 12 9.95 -2.91 -8.84
N LEU A 13 11.23 -2.88 -8.48
CA LEU A 13 11.97 -4.10 -8.14
C LEU A 13 11.37 -4.78 -6.92
N GLU A 14 10.82 -3.96 -6.01
CA GLU A 14 10.15 -4.48 -4.82
C GLU A 14 8.86 -5.20 -5.20
N LYS A 15 8.19 -4.70 -6.24
CA LYS A 15 6.92 -5.26 -6.68
C LYS A 15 7.07 -6.65 -7.28
N TYR A 16 8.15 -6.85 -8.05
CA TYR A 16 8.33 -8.08 -8.81
C TYR A 16 9.32 -9.07 -8.20
N PHE A 17 10.22 -8.57 -7.36
CA PHE A 17 11.33 -9.41 -6.91
C PHE A 17 11.48 -9.58 -5.39
N LYS A 18 10.59 -8.96 -4.62
CA LYS A 18 10.62 -9.15 -3.17
C LYS A 18 9.96 -10.48 -2.80
N GLY A 19 10.71 -11.31 -2.07
CA GLY A 19 10.22 -12.62 -1.69
C GLY A 19 10.62 -13.67 -2.72
N LYS A 20 11.25 -13.22 -3.80
CA LYS A 20 11.70 -14.11 -4.86
C LYS A 20 13.12 -14.58 -4.58
N THR A 21 13.41 -15.83 -4.93
CA THR A 21 14.72 -16.41 -4.70
C THR A 21 15.66 -16.24 -5.89
N LEU A 22 16.72 -15.48 -5.70
CA LEU A 22 17.73 -15.28 -6.74
C LEU A 22 18.68 -16.47 -6.77
N GLU A 23 18.70 -17.19 -7.88
CA GLU A 23 19.53 -18.39 -8.00
C GLU A 23 20.90 -18.11 -8.62
N TYR A 24 20.95 -17.17 -9.55
CA TYR A 24 22.20 -16.86 -10.23
C TYR A 24 22.19 -15.46 -10.85
N ILE A 25 23.37 -14.85 -10.92
CA ILE A 25 23.52 -13.54 -11.55
C ILE A 25 24.72 -13.54 -12.49
N ASP A 26 24.51 -13.08 -13.72
CA ASP A 26 25.54 -13.16 -14.76
C ASP A 26 25.81 -11.81 -15.43
N PHE A 27 27.08 -11.42 -15.47
CA PHE A 27 27.50 -10.22 -16.18
C PHE A 27 27.98 -10.60 -17.58
N ILE A 28 27.14 -10.37 -18.59
CA ILE A 28 27.43 -10.83 -19.94
C ILE A 28 28.23 -9.82 -20.77
N SER A 29 28.30 -8.58 -20.30
CA SER A 29 29.02 -7.55 -21.03
C SER A 29 29.44 -6.40 -20.13
N GLY A 30 30.33 -5.55 -20.65
CA GLY A 30 30.78 -4.37 -19.93
C GLY A 30 32.04 -4.58 -19.11
N ARG A 31 32.22 -3.73 -18.11
CA ARG A 31 33.39 -3.79 -17.24
C ARG A 31 33.42 -5.07 -16.41
N TYR A 32 32.25 -5.51 -15.98
CA TYR A 32 32.15 -6.68 -15.11
C TYR A 32 32.15 -7.99 -15.88
N SER A 33 32.40 -7.91 -17.19
CA SER A 33 32.60 -9.10 -18.01
C SER A 33 34.09 -9.35 -18.17
N LYS A 34 34.88 -8.32 -17.86
CA LYS A 34 36.33 -8.43 -17.92
C LYS A 34 36.93 -8.68 -16.53
N SER A 35 36.41 -7.97 -15.53
CA SER A 35 36.86 -8.13 -14.16
C SER A 35 35.68 -8.24 -13.21
N GLU A 36 35.73 -9.21 -12.31
CA GLU A 36 34.65 -9.45 -11.36
C GLU A 36 34.58 -8.36 -10.30
N PRO A 37 33.36 -7.97 -9.90
CA PRO A 37 33.16 -6.99 -8.83
C PRO A 37 33.58 -7.56 -7.47
N GLU A 38 33.78 -6.69 -6.49
CA GLU A 38 34.23 -7.12 -5.17
C GLU A 38 33.18 -7.98 -4.46
N GLY A 39 33.61 -9.16 -4.00
CA GLY A 39 32.74 -10.05 -3.27
C GLY A 39 31.83 -10.87 -4.16
N TYR A 40 32.19 -10.97 -5.44
CA TYR A 40 31.36 -11.70 -6.40
C TYR A 40 31.41 -13.20 -6.17
N ASP A 41 32.62 -13.77 -6.11
CA ASP A 41 32.80 -15.20 -5.95
C ASP A 41 32.17 -15.74 -4.67
N ASP A 42 32.23 -14.96 -3.60
CA ASP A 42 31.63 -15.35 -2.33
C ASP A 42 30.11 -15.30 -2.40
N PHE A 43 29.59 -14.35 -3.18
CA PHE A 43 28.15 -14.19 -3.33
C PHE A 43 27.55 -15.34 -4.12
N ILE A 44 28.23 -15.74 -5.20
CA ILE A 44 27.78 -16.84 -6.04
C ILE A 44 27.81 -18.15 -5.25
N ALA A 45 28.80 -18.29 -4.38
CA ALA A 45 28.95 -19.49 -3.57
C ALA A 45 27.87 -19.62 -2.51
N ASN A 46 27.14 -18.54 -2.27
CA ASN A 46 26.07 -18.54 -1.29
C ASN A 46 24.68 -18.58 -1.92
N LEU A 47 24.64 -18.50 -3.24
CA LEU A 47 23.39 -18.62 -3.98
C LEU A 47 22.90 -20.06 -3.93
N PRO A 48 21.56 -20.26 -3.96
CA PRO A 48 20.51 -19.24 -4.09
C PRO A 48 20.21 -18.51 -2.79
N LEU A 49 19.73 -17.28 -2.91
CA LEU A 49 19.33 -16.48 -1.76
C LEU A 49 17.97 -15.84 -2.03
N LYS A 50 17.27 -15.46 -0.96
CA LYS A 50 15.94 -14.88 -1.09
C LYS A 50 15.94 -13.38 -0.79
N VAL A 51 15.49 -12.60 -1.76
CA VAL A 51 15.43 -11.14 -1.63
C VAL A 51 14.41 -10.74 -0.56
N SER A 52 14.86 -9.97 0.42
CA SER A 52 13.98 -9.52 1.50
C SER A 52 13.54 -8.08 1.27
N ASN A 53 14.48 -7.20 0.98
CA ASN A 53 14.16 -5.79 0.76
C ASN A 53 15.01 -5.14 -0.33
N VAL A 54 14.43 -4.16 -1.01
CA VAL A 54 15.15 -3.35 -1.99
C VAL A 54 14.94 -1.88 -1.66
N ASP A 55 15.89 -1.30 -0.94
CA ASP A 55 15.77 0.09 -0.47
C ASP A 55 16.84 0.98 -1.08
N THR A 56 16.60 2.28 -1.08
CA THR A 56 17.53 3.25 -1.65
C THR A 56 17.71 4.46 -0.75
N LYS A 57 18.83 5.15 -0.92
CA LYS A 57 19.07 6.43 -0.25
C LYS A 57 19.76 7.39 -1.20
N GLY A 58 18.96 8.15 -1.95
CA GLY A 58 19.48 9.07 -2.93
C GLY A 58 19.77 8.41 -4.26
N LYS A 59 21.06 8.19 -4.54
CA LYS A 59 21.46 7.56 -5.80
C LYS A 59 22.13 6.22 -5.54
N PHE A 60 21.85 5.62 -4.39
CA PHE A 60 22.44 4.34 -4.03
C PHE A 60 21.38 3.28 -3.77
N LEU A 61 21.35 2.24 -4.59
CA LEU A 61 20.41 1.14 -4.44
C LEU A 61 21.13 -0.11 -3.94
N TRP A 62 20.45 -0.88 -3.11
CA TRP A 62 21.03 -2.13 -2.63
C TRP A 62 19.96 -3.20 -2.39
N PHE A 63 20.30 -4.45 -2.72
CA PHE A 63 19.43 -5.58 -2.46
C PHE A 63 19.76 -6.18 -1.10
N GLU A 64 18.77 -6.79 -0.46
CA GLU A 64 18.99 -7.45 0.83
C GLU A 64 18.47 -8.88 0.77
N LEU A 65 19.38 -9.82 0.53
CA LEU A 65 19.00 -11.23 0.39
C LEU A 65 19.34 -12.04 1.63
N PHE A 66 18.58 -13.10 1.86
CA PHE A 66 18.84 -13.99 2.98
C PHE A 66 18.53 -15.45 2.62
N ASP A 67 18.78 -16.35 3.54
CA ASP A 67 18.51 -17.77 3.33
C ASP A 67 17.44 -18.21 4.31
N PRO A 68 16.43 -18.89 3.80
CA PRO A 68 15.37 -19.41 4.65
C PRO A 68 15.97 -20.41 5.63
N ASN A 69 16.92 -21.22 5.18
CA ASN A 69 17.63 -22.15 6.03
C ASN A 69 18.48 -21.45 7.06
N ASP A 70 19.22 -20.42 6.70
CA ASP A 70 19.86 -19.56 7.68
C ASP A 70 19.49 -18.09 7.49
N LYS A 71 18.82 -17.52 8.49
CA LYS A 71 18.38 -16.13 8.47
C LYS A 71 19.51 -15.12 8.58
N SER A 72 20.53 -15.48 9.37
CA SER A 72 21.71 -14.64 9.52
C SER A 72 22.78 -14.82 8.44
N ASN A 73 23.79 -13.97 8.45
CA ASN A 73 24.68 -13.81 7.30
C ASN A 73 23.90 -13.51 6.03
N LYS A 74 23.08 -12.46 6.06
CA LYS A 74 22.46 -11.96 4.84
C LYS A 74 23.39 -11.08 4.02
N TRP A 75 23.22 -11.18 2.71
CA TRP A 75 24.07 -10.57 1.68
C TRP A 75 23.45 -9.30 1.11
N TYR A 76 24.30 -8.44 0.56
CA TYR A 76 23.85 -7.17 0.01
C TYR A 76 24.43 -6.92 -1.38
N ILE A 77 23.58 -6.53 -2.32
CA ILE A 77 24.02 -6.21 -3.67
C ILE A 77 24.03 -4.69 -3.88
N TRP A 78 25.20 -4.09 -3.71
CA TRP A 78 25.32 -2.64 -3.87
C TRP A 78 25.24 -2.28 -5.35
N ASN A 79 24.66 -1.13 -5.64
CA ASN A 79 24.56 -0.67 -7.02
C ASN A 79 24.46 0.85 -7.14
N THR A 80 25.58 1.49 -7.48
CA THR A 80 25.61 2.92 -7.75
C THR A 80 25.26 3.17 -9.20
N PHE A 81 24.67 4.33 -9.49
CA PHE A 81 24.19 4.64 -10.83
C PHE A 81 25.02 5.72 -11.51
N GLY A 82 25.28 5.61 -12.79
CA GLY A 82 26.00 6.54 -13.65
C GLY A 82 25.04 7.47 -14.36
N LEU A 83 25.22 7.62 -15.66
CA LEU A 83 24.33 8.46 -16.43
C LEU A 83 23.33 7.64 -17.23
N THR A 84 23.62 6.49 -17.73
CA THR A 84 22.70 5.70 -18.54
C THR A 84 22.42 4.34 -17.90
N ASP A 85 22.05 4.36 -16.63
CA ASP A 85 21.74 3.13 -15.91
C ASP A 85 20.24 2.88 -15.87
N MET A 86 19.84 1.69 -16.29
CA MET A 86 18.43 1.31 -16.32
C MET A 86 18.25 -0.16 -15.95
N TRP A 87 17.27 -0.43 -15.10
CA TRP A 87 16.85 -1.79 -14.81
C TRP A 87 15.67 -2.13 -15.69
N SER A 88 15.45 -3.42 -15.92
CA SER A 88 14.38 -3.86 -16.82
C SER A 88 13.97 -5.30 -16.57
N LEU A 89 12.80 -5.67 -17.07
CA LEU A 89 12.31 -7.03 -16.95
C LEU A 89 12.69 -7.85 -18.18
N PHE A 90 13.15 -7.14 -19.22
CA PHE A 90 13.57 -7.79 -20.46
C PHE A 90 14.99 -7.39 -20.82
N GLU A 91 15.66 -8.24 -21.59
CA GLU A 91 17.03 -7.98 -22.01
C GLU A 91 17.08 -6.88 -23.06
N ALA A 92 17.21 -5.64 -22.61
CA ALA A 92 17.28 -4.49 -23.52
C ALA A 92 18.70 -4.34 -24.05
N LYS A 93 18.91 -3.34 -24.89
CA LYS A 93 20.24 -3.05 -25.42
C LYS A 93 21.15 -2.59 -24.29
N TYR A 94 22.45 -2.85 -24.44
CA TYR A 94 23.45 -2.52 -23.43
C TYR A 94 23.21 -3.25 -22.11
N THR A 95 22.59 -4.43 -22.18
CA THR A 95 22.36 -5.24 -20.99
C THR A 95 23.68 -5.73 -20.39
N ARG A 96 23.99 -5.26 -19.19
CA ARG A 96 25.26 -5.56 -18.56
C ARG A 96 25.16 -6.66 -17.51
N ALA A 97 23.98 -6.81 -16.92
CA ALA A 97 23.78 -7.81 -15.87
C ALA A 97 22.49 -8.59 -16.07
N VAL A 98 22.55 -9.89 -15.80
CA VAL A 98 21.38 -10.75 -15.90
C VAL A 98 21.14 -11.47 -14.57
N LEU A 99 19.98 -11.25 -13.97
CA LEU A 99 19.64 -11.90 -12.70
C LEU A 99 18.63 -13.02 -12.92
N SER A 100 19.00 -14.21 -12.50
CA SER A 100 18.16 -15.39 -12.71
C SER A 100 17.45 -15.80 -11.43
N PHE A 101 16.17 -15.43 -11.33
CA PHE A 101 15.36 -15.84 -10.19
C PHE A 101 14.68 -17.18 -10.47
N ASP A 102 13.96 -17.69 -9.49
CA ASP A 102 13.28 -18.98 -9.62
C ASP A 102 12.12 -18.90 -10.61
N ASN A 103 11.72 -20.06 -11.13
CA ASN A 103 10.60 -20.15 -12.07
C ASN A 103 10.77 -19.29 -13.32
N GLU A 104 12.01 -19.26 -13.83
CA GLU A 104 12.34 -18.50 -15.04
C GLU A 104 12.02 -17.01 -14.95
N LEU A 105 12.04 -16.48 -13.73
CA LEU A 105 11.85 -15.04 -13.54
C LEU A 105 13.17 -14.32 -13.77
N MET A 106 13.17 -13.36 -14.69
CA MET A 106 14.41 -12.71 -15.11
C MET A 106 14.46 -11.21 -14.80
N ALA A 107 15.63 -10.76 -14.38
CA ALA A 107 15.86 -9.33 -14.13
C ALA A 107 17.10 -8.89 -14.89
N TYR A 108 17.02 -7.72 -15.51
CA TYR A 108 18.12 -7.24 -16.35
C TYR A 108 18.56 -5.83 -15.98
N PHE A 109 19.87 -5.60 -16.05
CA PHE A 109 20.44 -4.29 -15.77
C PHE A 109 21.20 -3.78 -16.99
N SER A 110 20.78 -2.63 -17.51
CA SER A 110 21.41 -2.07 -18.70
C SER A 110 22.23 -0.82 -18.37
N ASP A 111 23.37 -0.67 -19.04
CA ASP A 111 24.24 0.47 -18.84
C ASP A 111 25.08 0.70 -20.08
N MET A 112 24.82 1.81 -20.77
CA MET A 112 25.54 2.13 -22.00
C MET A 112 26.98 2.56 -21.72
N ARG A 113 27.13 3.63 -20.93
CA ARG A 113 28.45 4.21 -20.70
C ARG A 113 29.29 3.43 -19.68
N ASN A 114 28.71 2.39 -19.11
CA ASN A 114 29.42 1.53 -18.15
C ASN A 114 30.02 2.29 -16.97
N PHE A 115 29.26 3.22 -16.40
CA PHE A 115 29.73 3.99 -15.26
C PHE A 115 29.13 3.50 -13.95
N GLY A 116 28.09 2.67 -14.06
CA GLY A 116 27.44 2.10 -12.89
C GLY A 116 28.28 1.00 -12.27
N THR A 117 28.22 0.89 -10.95
CA THR A 117 29.03 -0.08 -10.23
C THR A 117 28.21 -1.10 -9.48
N PHE A 118 28.77 -2.30 -9.31
CA PHE A 118 28.14 -3.35 -8.51
C PHE A 118 29.11 -3.83 -7.43
N LYS A 119 28.59 -4.12 -6.26
CA LYS A 119 29.42 -4.61 -5.15
C LYS A 119 28.63 -5.55 -4.25
N PHE A 120 29.19 -6.72 -3.99
CA PHE A 120 28.54 -7.70 -3.13
C PHE A 120 29.24 -7.76 -1.78
N SER A 121 28.44 -7.73 -0.71
CA SER A 121 28.98 -7.77 0.64
C SER A 121 28.02 -8.43 1.62
N ASN A 122 28.57 -9.27 2.50
CA ASN A 122 27.77 -9.93 3.53
C ASN A 122 27.84 -9.20 4.86
N SER A 123 28.36 -7.97 4.82
CA SER A 123 28.51 -7.16 6.02
C SER A 123 27.50 -6.03 6.08
N GLU A 124 26.75 -5.97 7.18
CA GLU A 124 25.77 -4.91 7.38
C GLU A 124 26.47 -3.66 7.91
N LYS A 125 27.58 -3.86 8.61
CA LYS A 125 28.35 -2.75 9.18
C LYS A 125 28.99 -1.90 8.10
N GLU A 126 29.32 -2.52 6.97
CA GLU A 126 29.91 -1.81 5.85
C GLU A 126 28.86 -1.00 5.10
N LEU A 127 27.61 -1.49 5.11
CA LEU A 127 26.52 -0.82 4.44
C LEU A 127 26.07 0.43 5.20
N LYS A 128 26.09 0.34 6.53
CA LYS A 128 25.67 1.45 7.38
C LYS A 128 26.60 2.66 7.20
N ARG A 129 27.89 2.39 7.06
CA ARG A 129 28.86 3.45 6.85
C ARG A 129 28.74 4.06 5.46
N LYS A 130 28.40 3.22 4.48
CA LYS A 130 28.21 3.68 3.11
C LYS A 130 27.05 4.67 3.03
N LEU A 131 26.00 4.40 3.79
CA LEU A 131 24.83 5.28 3.83
C LEU A 131 25.17 6.56 4.58
N ASN A 132 26.12 6.47 5.51
CA ASN A 132 26.56 7.63 6.28
C ASN A 132 27.54 8.51 5.50
N GLU A 133 28.01 7.99 4.36
CA GLU A 133 28.82 8.77 3.45
C GLU A 133 27.93 9.64 2.57
N LEU A 134 26.63 9.38 2.65
CA LEU A 134 25.65 10.12 1.87
C LEU A 134 24.76 10.95 2.79
N GLY A 135 24.39 12.15 2.34
CA GLY A 135 23.51 13.00 3.10
C GLY A 135 22.09 12.47 3.11
N PRO A 136 21.19 13.16 3.82
CA PRO A 136 19.78 12.76 3.91
C PRO A 136 19.11 12.69 2.54
N ASP A 137 18.13 11.79 2.40
CA ASP A 137 17.42 11.64 1.14
C ASP A 137 16.38 12.76 0.99
N PHE A 138 16.60 13.62 -0.01
CA PHE A 138 15.73 14.78 -0.22
C PHE A 138 14.30 14.41 -0.57
N LEU A 139 14.10 13.21 -1.09
CA LEU A 139 12.78 12.75 -1.50
C LEU A 139 12.07 11.97 -0.38
N LYS A 140 12.78 11.05 0.25
CA LYS A 140 12.18 10.15 1.22
C LYS A 140 12.12 10.74 2.63
N ASN A 141 13.01 11.68 2.93
CA ASN A 141 13.04 12.31 4.25
C ASN A 141 12.38 13.69 4.24
N ASP A 142 11.42 13.88 5.12
CA ASP A 142 10.66 15.13 5.17
C ASP A 142 11.20 16.09 6.22
N ASP A 143 11.97 15.57 7.16
CA ASP A 143 12.54 16.37 8.23
C ASP A 143 14.03 16.64 8.02
N ILE A 144 14.35 17.40 6.98
CA ILE A 144 15.74 17.73 6.69
C ILE A 144 16.02 19.21 6.98
N ASP A 145 16.83 19.47 8.00
CA ASP A 145 17.24 20.84 8.30
C ASP A 145 18.30 21.30 7.30
N ILE A 146 17.89 22.16 6.37
CA ILE A 146 18.80 22.66 5.35
C ILE A 146 19.40 24.02 5.74
N SER A 147 19.37 24.31 7.04
CA SER A 147 19.97 25.55 7.55
C SER A 147 21.49 25.45 7.56
N LYS A 148 22.00 24.27 7.25
CA LYS A 148 23.44 24.01 7.24
C LYS A 148 24.09 24.64 6.01
N ILE A 149 23.27 25.00 5.03
CA ILE A 149 23.74 25.65 3.81
C ILE A 149 24.40 26.99 4.12
N LYS A 150 23.90 27.65 5.17
CA LYS A 150 24.41 28.96 5.57
C LYS A 150 25.86 28.93 6.04
N LYS A 151 26.36 27.74 6.35
CA LYS A 151 27.72 27.59 6.86
C LYS A 151 28.76 27.46 5.74
N TYR A 152 28.30 27.22 4.52
CA TYR A 152 29.20 27.02 3.39
C TYR A 152 29.37 28.25 2.53
N LYS A 153 30.62 28.60 2.25
CA LYS A 153 30.94 29.72 1.37
C LYS A 153 31.18 29.20 -0.04
N GLN A 154 30.17 28.52 -0.59
CA GLN A 154 30.26 27.94 -1.91
C GLN A 154 28.95 28.11 -2.66
N PRO A 155 29.00 28.13 -4.01
CA PRO A 155 27.80 28.23 -4.86
C PRO A 155 26.73 27.21 -4.48
N ILE A 156 25.49 27.68 -4.40
CA ILE A 156 24.37 26.85 -3.95
C ILE A 156 24.14 25.66 -4.88
N VAL A 157 24.46 25.82 -6.16
CA VAL A 157 24.27 24.75 -7.13
C VAL A 157 25.27 23.62 -6.90
N ALA A 158 26.42 23.94 -6.33
CA ALA A 158 27.46 22.95 -6.04
C ALA A 158 27.13 22.19 -4.76
N LEU A 159 26.46 22.86 -3.83
CA LEU A 159 26.08 22.24 -2.56
C LEU A 159 24.94 21.25 -2.75
N LEU A 160 24.08 21.52 -3.72
CA LEU A 160 22.94 20.64 -3.99
C LEU A 160 23.35 19.45 -4.84
N MET A 161 24.38 19.62 -5.65
CA MET A 161 24.94 18.52 -6.43
C MET A 161 25.73 17.58 -5.51
N ASP A 162 26.17 18.12 -4.38
CA ASP A 162 26.87 17.32 -3.38
C ASP A 162 25.93 16.30 -2.77
N GLN A 163 26.47 15.18 -2.33
CA GLN A 163 25.65 14.09 -1.83
C GLN A 163 25.84 13.83 -0.33
N LYS A 164 26.66 14.66 0.32
CA LYS A 164 26.99 14.44 1.72
C LYS A 164 26.68 15.66 2.60
N LYS A 165 27.02 16.84 2.09
CA LYS A 165 26.92 18.07 2.87
C LYS A 165 25.49 18.40 3.32
N ILE A 166 24.60 18.60 2.37
CA ILE A 166 23.23 18.99 2.69
C ILE A 166 22.25 17.83 2.54
N GLY A 167 22.41 17.06 1.48
CA GLY A 167 21.54 15.92 1.24
C GLY A 167 21.91 15.16 -0.02
N SER A 168 21.26 14.01 -0.22
CA SER A 168 21.52 13.18 -1.38
C SER A 168 20.26 13.00 -2.23
N GLY A 169 20.45 12.79 -3.52
CA GLY A 169 19.34 12.56 -4.43
C GLY A 169 19.31 13.51 -5.61
N LEU A 170 19.61 14.78 -5.35
CA LEU A 170 19.59 15.80 -6.40
C LEU A 170 20.70 15.61 -7.42
N GLY A 171 20.35 15.76 -8.69
CA GLY A 171 21.31 15.63 -9.77
C GLY A 171 21.43 16.91 -10.58
N ASN A 172 21.78 16.77 -11.86
CA ASN A 172 22.04 17.94 -12.70
C ASN A 172 20.78 18.71 -13.11
N TYR A 173 19.76 18.01 -13.60
CA TYR A 173 18.55 18.67 -14.07
C TYR A 173 17.66 19.14 -12.92
N LEU A 174 17.68 18.41 -11.81
CA LEU A 174 16.86 18.74 -10.65
C LEU A 174 17.27 20.09 -10.05
N VAL A 175 18.56 20.27 -9.82
CA VAL A 175 19.05 21.52 -9.23
C VAL A 175 18.83 22.70 -10.16
N ALA A 176 18.75 22.43 -11.46
CA ALA A 176 18.47 23.47 -12.45
C ALA A 176 17.01 23.91 -12.33
N GLU A 177 16.13 22.94 -12.12
CA GLU A 177 14.70 23.23 -11.98
C GLU A 177 14.39 23.87 -10.63
N ILE A 178 15.04 23.38 -9.58
CA ILE A 178 14.83 23.88 -8.22
C ILE A 178 15.24 25.34 -8.08
N LEU A 179 16.44 25.67 -8.53
CA LEU A 179 16.96 27.03 -8.44
C LEU A 179 16.14 28.01 -9.27
N TYR A 180 15.49 27.51 -10.31
CA TYR A 180 14.64 28.34 -11.15
C TYR A 180 13.31 28.63 -10.47
N ARG A 181 12.73 27.59 -9.85
CA ARG A 181 11.47 27.73 -9.14
C ARG A 181 11.61 28.66 -7.94
N ALA A 182 12.73 28.54 -7.24
CA ALA A 182 12.98 29.35 -6.04
C ALA A 182 13.57 30.71 -6.38
N LYS A 183 13.79 30.95 -7.67
CA LYS A 183 14.35 32.20 -8.16
C LYS A 183 15.70 32.52 -7.52
N ILE A 184 16.61 31.55 -7.53
CA ILE A 184 17.91 31.70 -6.89
C ILE A 184 19.05 31.58 -7.90
N ASP A 185 19.93 32.58 -7.92
CA ASP A 185 21.12 32.54 -8.76
C ASP A 185 22.02 31.41 -8.29
N PRO A 186 22.37 30.49 -9.20
CA PRO A 186 23.23 29.34 -8.87
C PRO A 186 24.63 29.77 -8.43
N HIS A 187 25.06 30.97 -8.80
CA HIS A 187 26.36 31.48 -8.40
C HIS A 187 26.36 31.95 -6.95
N LYS A 188 25.18 32.29 -6.45
CA LYS A 188 25.05 32.83 -5.10
C LYS A 188 25.49 31.83 -4.04
N LEU A 189 26.37 32.28 -3.14
CA LEU A 189 26.91 31.44 -2.09
C LEU A 189 25.82 31.04 -1.09
N GLY A 190 25.99 29.88 -0.47
CA GLY A 190 25.04 29.39 0.51
C GLY A 190 25.06 30.20 1.79
N SER A 191 26.19 30.85 2.05
CA SER A 191 26.34 31.66 3.25
C SER A 191 25.74 33.05 3.08
N ASN A 192 25.32 33.35 1.85
CA ASN A 192 24.68 34.64 1.56
C ASN A 192 23.17 34.52 1.43
N LEU A 193 22.66 33.30 1.59
CA LEU A 193 21.23 33.06 1.49
C LEU A 193 20.48 33.60 2.71
N THR A 194 19.25 34.04 2.48
CA THR A 194 18.42 34.57 3.56
C THR A 194 17.63 33.44 4.22
N ASP A 195 17.12 33.68 5.42
CA ASP A 195 16.31 32.70 6.13
C ASP A 195 15.03 32.39 5.37
N GLN A 196 14.52 33.38 4.63
CA GLN A 196 13.33 33.19 3.82
C GLN A 196 13.66 32.39 2.56
N GLU A 197 14.82 32.68 1.97
CA GLU A 197 15.28 31.95 0.79
C GLU A 197 15.51 30.48 1.12
N ILE A 198 16.00 30.22 2.33
CA ILE A 198 16.22 28.85 2.79
C ILE A 198 14.90 28.09 2.90
N GLU A 199 13.93 28.70 3.56
CA GLU A 199 12.62 28.09 3.73
C GLU A 199 11.92 27.90 2.39
N ASN A 200 12.16 28.84 1.47
CA ASN A 200 11.57 28.75 0.13
C ASN A 200 12.28 27.71 -0.73
N LEU A 201 13.56 27.51 -0.46
CA LEU A 201 14.36 26.52 -1.18
C LEU A 201 13.91 25.11 -0.82
N TRP A 202 13.70 24.87 0.48
CA TRP A 202 13.29 23.57 0.98
C TRP A 202 11.95 23.15 0.41
N TYR A 203 11.08 24.12 0.14
CA TYR A 203 9.78 23.85 -0.45
C TYR A 203 9.92 23.28 -1.85
N TRP A 204 10.72 23.94 -2.68
CA TRP A 204 10.90 23.53 -4.07
C TRP A 204 11.73 22.26 -4.20
N ILE A 205 12.56 21.98 -3.19
CA ILE A 205 13.29 20.71 -3.15
C ILE A 205 12.30 19.56 -3.00
N LYS A 206 11.33 19.74 -2.10
CA LYS A 206 10.28 18.76 -1.88
C LYS A 206 9.34 18.70 -3.09
N TYR A 207 9.13 19.85 -3.71
CA TYR A 207 8.23 19.97 -4.85
C TYR A 207 8.77 19.23 -6.08
N GLU A 208 10.02 19.50 -6.42
CA GLU A 208 10.63 18.93 -7.61
C GLU A 208 10.95 17.45 -7.48
N THR A 209 11.34 17.02 -6.29
CA THR A 209 11.66 15.61 -6.06
C THR A 209 10.42 14.73 -6.09
N LYS A 210 9.31 15.24 -5.57
CA LYS A 210 8.06 14.48 -5.56
C LYS A 210 7.44 14.43 -6.95
N LEU A 211 7.54 15.55 -7.66
CA LEU A 211 7.00 15.63 -9.02
C LEU A 211 7.75 14.70 -9.97
N ALA A 212 9.07 14.63 -9.79
CA ALA A 212 9.90 13.76 -10.62
C ALA A 212 9.70 12.30 -10.23
N TYR A 213 9.21 12.07 -9.01
CA TYR A 213 8.98 10.72 -8.52
C TYR A 213 7.64 10.17 -8.98
N ASP A 214 6.64 11.04 -9.05
CA ASP A 214 5.30 10.62 -9.44
C ASP A 214 5.15 10.50 -10.95
N SER A 215 6.16 10.98 -11.68
CA SER A 215 6.13 10.96 -13.14
C SER A 215 6.30 9.55 -13.69
N ASN A 216 5.83 9.34 -14.91
CA ASN A 216 5.89 8.03 -15.55
C ASN A 216 6.90 7.97 -16.69
N HIS A 217 7.25 9.13 -17.24
CA HIS A 217 8.19 9.18 -18.36
C HIS A 217 8.97 10.50 -18.41
N ILE A 218 10.24 10.45 -18.03
CA ILE A 218 11.10 11.62 -18.08
C ILE A 218 12.16 11.46 -19.16
N GLY A 219 12.75 10.27 -19.24
CA GLY A 219 13.73 9.98 -20.26
C GLY A 219 14.98 9.29 -19.74
N TYR A 220 14.88 8.76 -18.51
CA TYR A 220 16.01 8.08 -17.91
C TYR A 220 15.60 6.74 -17.30
N MET A 221 14.34 6.37 -17.52
CA MET A 221 13.83 5.07 -17.10
C MET A 221 12.96 4.49 -18.21
N VAL A 222 13.46 4.56 -19.43
CA VAL A 222 12.71 4.12 -20.60
C VAL A 222 12.38 2.63 -20.52
N ASN A 223 13.26 1.86 -19.91
CA ASN A 223 13.06 0.42 -19.77
C ASN A 223 12.02 0.06 -18.70
N LEU A 224 11.49 1.06 -18.02
CA LEU A 224 10.50 0.84 -16.97
C LEU A 224 9.33 1.82 -17.05
N GLU A 225 9.12 2.41 -18.23
CA GLU A 225 8.01 3.34 -18.43
C GLU A 225 6.66 2.64 -18.31
N ASN A 226 6.58 1.43 -18.85
CA ASN A 226 5.36 0.65 -18.78
C ASN A 226 5.07 0.16 -17.36
N GLU A 227 6.13 0.00 -16.57
CA GLU A 227 5.99 -0.49 -15.20
C GLU A 227 5.73 0.65 -14.22
N SER A 228 6.17 1.85 -14.58
CA SER A 228 5.97 3.03 -13.74
C SER A 228 4.51 3.44 -13.69
N SER A 229 3.77 3.12 -14.75
CA SER A 229 2.36 3.47 -14.82
C SER A 229 1.49 2.38 -14.21
N LYS A 230 2.04 1.18 -14.09
CA LYS A 230 1.31 0.05 -13.51
C LYS A 230 1.60 -0.11 -12.02
N ILE A 231 2.19 0.93 -11.42
CA ILE A 231 2.51 0.90 -10.00
C ILE A 231 2.18 2.24 -9.34
N GLY A 232 1.81 2.21 -8.07
CA GLY A 232 1.50 3.42 -7.33
C GLY A 232 2.76 4.12 -6.86
N ARG A 233 2.58 5.26 -6.20
CA ARG A 233 3.71 6.04 -5.69
C ARG A 233 3.66 6.16 -4.18
N LYS A 234 4.81 6.03 -3.54
CA LYS A 234 4.86 6.16 -2.09
C LYS A 234 4.58 7.61 -1.73
N ASN A 235 3.90 7.83 -0.61
CA ASN A 235 3.48 9.17 -0.19
C ASN A 235 4.61 9.97 0.44
N TYR A 236 5.64 10.28 -0.37
CA TYR A 236 6.75 11.10 0.08
C TYR A 236 6.33 12.57 0.06
N HIS A 237 6.68 13.29 1.11
CA HIS A 237 6.25 14.68 1.29
C HIS A 237 4.73 14.81 1.17
N PRO A 238 4.00 14.35 2.20
CA PRO A 238 2.53 14.30 2.18
C PRO A 238 1.89 15.68 2.03
N ASN A 239 2.49 16.69 2.64
CA ASN A 239 1.92 18.03 2.62
C ASN A 239 2.17 18.78 1.31
N ILE A 240 3.05 18.24 0.48
CA ILE A 240 3.36 18.85 -0.80
C ILE A 240 2.58 18.18 -1.94
N HIS A 241 1.87 18.98 -2.72
CA HIS A 241 1.07 18.44 -3.82
C HIS A 241 1.26 19.23 -5.11
N PRO A 242 2.10 18.71 -6.02
CA PRO A 242 2.38 19.35 -7.31
C PRO A 242 1.12 19.47 -8.17
N THR A 243 1.08 20.49 -9.02
CA THR A 243 -0.07 20.73 -9.88
C THR A 243 0.07 19.97 -11.19
N GLU A 244 1.32 19.76 -11.62
CA GLU A 244 1.58 19.06 -12.87
C GLU A 244 1.34 17.55 -12.74
N LYS A 245 0.85 16.95 -13.81
CA LYS A 245 0.64 15.51 -13.85
C LYS A 245 1.93 14.82 -14.29
N GLU A 246 2.83 15.59 -14.88
CA GLU A 246 4.08 15.06 -15.39
C GLU A 246 5.21 16.08 -15.22
N PHE A 247 6.43 15.59 -15.02
CA PHE A 247 7.58 16.48 -14.85
C PHE A 247 8.02 17.06 -16.18
N ASP A 248 7.87 18.37 -16.33
CA ASP A 248 8.30 19.05 -17.54
C ASP A 248 9.55 19.88 -17.27
N PHE A 249 10.48 19.89 -18.21
CA PHE A 249 11.69 20.69 -18.08
C PHE A 249 11.39 22.16 -18.37
N LEU A 250 11.34 22.97 -17.33
CA LEU A 250 11.24 24.43 -17.40
C LEU A 250 12.47 25.23 -17.87
N VAL A 251 13.66 24.84 -17.43
CA VAL A 251 14.89 25.50 -17.84
C VAL A 251 16.04 24.60 -18.28
N TYR A 252 15.96 23.31 -17.97
CA TYR A 252 17.02 22.37 -18.32
C TYR A 252 17.01 22.01 -19.80
N ARG A 253 18.16 22.18 -20.44
CA ARG A 253 18.34 21.88 -21.87
C ARG A 253 17.36 22.63 -22.77
N LYS A 254 17.10 23.89 -22.45
CA LYS A 254 16.19 24.71 -23.25
C LYS A 254 16.77 26.08 -23.55
N LYS A 255 16.43 26.62 -24.71
CA LYS A 255 16.88 27.95 -25.11
C LYS A 255 16.19 29.01 -24.26
N LYS A 256 14.89 28.85 -24.05
CA LYS A 256 14.11 29.80 -23.29
C LYS A 256 13.20 29.10 -22.29
N ASP A 257 12.83 29.82 -21.23
CA ASP A 257 11.85 29.32 -20.28
C ASP A 257 10.45 29.52 -20.88
N PRO A 258 9.41 28.90 -20.30
CA PRO A 258 8.04 29.07 -20.80
C PRO A 258 7.60 30.53 -20.96
N ASN A 259 8.28 31.46 -20.29
CA ASN A 259 7.95 32.88 -20.41
C ASN A 259 8.70 33.57 -21.54
N GLY A 260 9.80 32.97 -21.97
CA GLY A 260 10.57 33.50 -23.10
C GLY A 260 11.92 34.07 -22.71
N ASN A 261 12.21 34.09 -21.42
CA ASN A 261 13.47 34.63 -20.92
C ASN A 261 14.65 33.76 -21.33
N LYS A 262 15.80 34.41 -21.50
CA LYS A 262 17.00 33.75 -21.99
C LYS A 262 17.57 32.77 -20.96
N VAL A 263 17.98 31.60 -21.44
CA VAL A 263 18.58 30.57 -20.58
C VAL A 263 20.04 30.35 -20.93
N ILE A 264 20.91 30.44 -19.93
CA ILE A 264 22.35 30.32 -20.13
C ILE A 264 22.85 28.89 -19.86
N ALA A 265 23.63 28.37 -20.80
CA ALA A 265 24.33 27.10 -20.58
C ALA A 265 25.65 27.39 -19.89
N ASP A 266 25.58 27.67 -18.59
CA ASP A 266 26.75 28.11 -17.84
C ASP A 266 27.51 26.95 -17.21
N LYS A 267 28.83 27.06 -17.18
CA LYS A 267 29.68 26.05 -16.55
C LYS A 267 30.23 26.55 -15.23
N ILE A 268 29.48 26.31 -14.15
CA ILE A 268 29.87 26.76 -12.83
C ILE A 268 30.60 25.66 -12.06
N ILE A 269 30.05 24.45 -12.11
CA ILE A 269 30.59 23.33 -11.36
C ILE A 269 31.56 22.50 -12.16
N GLY A 270 32.67 22.10 -11.53
CA GLY A 270 33.63 21.21 -12.15
C GLY A 270 34.82 21.90 -12.76
N SER A 271 35.78 21.10 -13.20
CA SER A 271 37.01 21.61 -13.82
C SER A 271 37.60 20.54 -14.72
N GLY A 272 38.57 20.93 -15.55
CA GLY A 272 39.24 20.00 -16.44
C GLY A 272 38.29 19.31 -17.41
N LYS A 273 37.95 18.07 -17.10
CA LYS A 273 37.07 17.29 -17.97
C LYS A 273 35.86 16.73 -17.22
N ASN A 274 35.57 17.27 -16.04
CA ASN A 274 34.38 16.88 -15.30
C ASN A 274 33.43 18.05 -15.09
N LYS A 275 33.51 19.03 -16.00
CA LYS A 275 32.65 20.21 -15.93
C LYS A 275 31.20 19.86 -16.21
N ARG A 276 30.30 20.50 -15.48
CA ARG A 276 28.86 20.28 -15.66
C ARG A 276 28.17 21.57 -16.11
N THR A 277 27.09 21.41 -16.86
CA THR A 277 26.36 22.57 -17.37
C THR A 277 25.12 22.87 -16.53
N THR A 278 25.08 24.06 -15.94
CA THR A 278 23.94 24.48 -15.13
C THR A 278 23.06 25.45 -15.92
N TYR A 279 21.87 25.00 -16.29
CA TYR A 279 20.92 25.84 -17.02
C TYR A 279 20.11 26.69 -16.05
N TRP A 280 20.00 27.98 -16.35
CA TRP A 280 19.30 28.91 -15.48
C TRP A 280 18.90 30.18 -16.22
N ALA A 281 17.92 30.90 -15.67
CA ALA A 281 17.45 32.14 -16.27
C ALA A 281 17.76 33.33 -15.37
N PRO A 282 18.61 34.25 -15.84
CA PRO A 282 19.02 35.45 -15.08
C PRO A 282 17.86 36.38 -14.80
N ALA A 283 16.86 36.39 -15.66
CA ALA A 283 15.71 37.28 -15.51
C ALA A 283 14.74 36.79 -14.44
N ILE A 284 14.95 35.57 -13.97
CA ILE A 284 14.12 34.99 -12.92
C ILE A 284 14.94 34.71 -11.67
N GLN A 285 16.12 34.16 -11.87
CA GLN A 285 17.00 33.81 -10.75
C GLN A 285 18.01 34.92 -10.46
N PRO B 1 -13.67 -8.41 11.26
CA PRO B 1 -15.04 -8.79 11.61
C PRO B 1 -15.73 -9.52 10.45
N GLU B 2 -17.00 -9.85 10.63
CA GLU B 2 -17.74 -10.57 9.60
C GLU B 2 -19.06 -9.88 9.27
N GLY B 3 -19.95 -10.61 8.59
CA GLY B 3 -21.22 -10.10 8.13
C GLY B 3 -22.01 -9.26 9.13
N PRO B 4 -22.51 -9.90 10.20
CA PRO B 4 -23.27 -9.22 11.25
C PRO B 4 -22.56 -8.00 11.85
N GLU B 5 -21.26 -8.14 12.14
CA GLU B 5 -20.50 -7.05 12.74
C GLU B 5 -20.40 -5.84 11.80
N VAL B 6 -20.08 -6.10 10.54
CA VAL B 6 -19.94 -5.04 9.55
C VAL B 6 -21.28 -4.32 9.35
N ALA B 7 -22.35 -5.08 9.28
CA ALA B 7 -23.69 -4.51 9.12
C ALA B 7 -24.09 -3.72 10.36
N LEU B 8 -23.69 -4.21 11.54
CA LEU B 8 -23.99 -3.53 12.79
C LEU B 8 -23.13 -2.27 12.95
N THR B 9 -21.92 -2.32 12.38
CA THR B 9 -21.02 -1.18 12.40
C THR B 9 -21.61 -0.01 11.63
N ALA B 10 -22.23 -0.31 10.51
CA ALA B 10 -22.85 0.72 9.68
C ALA B 10 -24.06 1.34 10.36
N ASP B 11 -24.79 0.52 11.12
CA ASP B 11 -25.96 0.99 11.84
C ASP B 11 -25.55 2.01 12.91
N ILE B 12 -24.41 1.77 13.53
CA ILE B 12 -23.89 2.68 14.55
C ILE B 12 -23.37 3.97 13.91
N LEU B 13 -22.66 3.83 12.80
CA LEU B 13 -22.10 4.98 12.11
C LEU B 13 -23.18 5.94 11.61
N GLU B 14 -24.31 5.39 11.17
CA GLU B 14 -25.43 6.22 10.73
C GLU B 14 -26.11 6.91 11.90
N LYS B 15 -25.96 6.35 13.10
CA LYS B 15 -26.55 6.94 14.29
C LYS B 15 -25.82 8.21 14.69
N TYR B 16 -24.56 8.33 14.27
CA TYR B 16 -23.72 9.45 14.68
C TYR B 16 -23.20 10.28 13.52
N PHE B 17 -23.23 9.74 12.30
CA PHE B 17 -22.61 10.43 11.17
C PHE B 17 -23.51 10.62 9.95
N LYS B 18 -24.68 9.98 9.95
CA LYS B 18 -25.65 10.20 8.88
C LYS B 18 -26.27 11.58 9.03
N GLY B 19 -25.94 12.48 8.10
CA GLY B 19 -26.39 13.85 8.17
C GLY B 19 -25.29 14.75 8.70
N LYS B 20 -24.07 14.23 8.70
CA LYS B 20 -22.91 14.99 9.14
C LYS B 20 -21.97 15.28 7.99
N THR B 21 -21.45 16.50 7.94
CA THR B 21 -20.58 16.92 6.84
C THR B 21 -19.11 16.62 7.14
N LEU B 22 -18.55 15.67 6.39
CA LEU B 22 -17.15 15.30 6.54
C LEU B 22 -16.25 16.38 5.95
N GLU B 23 -15.36 16.92 6.77
CA GLU B 23 -14.49 18.02 6.34
C GLU B 23 -13.13 17.53 5.85
N TYR B 24 -12.55 16.56 6.54
CA TYR B 24 -11.25 16.02 6.16
C TYR B 24 -10.99 14.64 6.76
N ILE B 25 -10.19 13.86 6.06
CA ILE B 25 -9.80 12.52 6.53
C ILE B 25 -8.34 12.24 6.24
N ASP B 26 -7.59 11.89 7.28
CA ASP B 26 -6.16 11.61 7.12
C ASP B 26 -5.78 10.28 7.75
N PHE B 27 -4.66 9.72 7.29
CA PHE B 27 -4.15 8.46 7.80
C PHE B 27 -2.83 8.70 8.53
N ILE B 28 -2.89 8.68 9.86
CA ILE B 28 -1.72 9.00 10.69
C ILE B 28 -0.76 7.82 10.82
N SER B 29 -1.27 6.61 10.57
CA SER B 29 -0.44 5.41 10.70
C SER B 29 -0.98 4.28 9.84
N GLY B 30 -0.16 3.25 9.65
CA GLY B 30 -0.56 2.07 8.91
C GLY B 30 -0.03 2.04 7.49
N ARG B 31 -0.75 1.32 6.62
CA ARG B 31 -0.33 1.17 5.23
C ARG B 31 -0.60 2.43 4.41
N TYR B 32 -1.56 3.22 4.86
CA TYR B 32 -1.96 4.42 4.13
C TYR B 32 -1.27 5.68 4.65
N SER B 33 -0.25 5.49 5.48
CA SER B 33 0.60 6.58 5.93
C SER B 33 1.89 6.55 5.14
N LYS B 34 2.08 5.47 4.40
CA LYS B 34 3.27 5.28 3.57
C LYS B 34 2.88 5.38 2.09
N SER B 35 1.61 5.11 1.81
CA SER B 35 1.09 5.17 0.45
C SER B 35 -0.41 5.43 0.47
N GLU B 36 -0.80 6.57 -0.10
CA GLU B 36 -2.20 7.00 -0.08
C GLU B 36 -3.12 6.06 -0.87
N PRO B 37 -4.39 5.95 -0.44
CA PRO B 37 -5.39 5.11 -1.10
C PRO B 37 -5.66 5.54 -2.54
N GLU B 38 -6.44 4.72 -3.23
CA GLU B 38 -6.85 5.07 -4.57
C GLU B 38 -7.62 6.35 -4.37
N GLY B 39 -7.43 7.27 -5.29
CA GLY B 39 -8.34 8.39 -5.46
C GLY B 39 -8.48 9.21 -4.19
N TYR B 40 -7.39 9.30 -3.42
CA TYR B 40 -7.40 10.07 -2.18
C TYR B 40 -7.26 11.56 -2.43
N ASP B 41 -6.34 11.94 -3.31
CA ASP B 41 -6.09 13.35 -3.62
C ASP B 41 -7.31 13.99 -4.26
N ASP B 42 -8.01 13.22 -5.09
CA ASP B 42 -9.18 13.71 -5.79
C ASP B 42 -10.39 13.82 -4.85
N PHE B 43 -10.43 12.96 -3.85
CA PHE B 43 -11.53 12.94 -2.90
C PHE B 43 -11.44 14.11 -1.92
N ILE B 44 -10.24 14.38 -1.42
CA ILE B 44 -10.04 15.48 -0.47
C ILE B 44 -10.12 16.82 -1.17
N ALA B 45 -10.11 16.81 -2.50
CA ALA B 45 -10.24 18.02 -3.29
C ALA B 45 -11.71 18.42 -3.43
N ASN B 46 -12.60 17.52 -3.02
CA ASN B 46 -14.03 17.76 -3.12
C ASN B 46 -14.68 17.94 -1.76
N LEU B 47 -13.87 17.87 -0.71
CA LEU B 47 -14.35 18.09 0.65
C LEU B 47 -14.58 19.58 0.89
N PRO B 48 -15.53 19.93 1.77
CA PRO B 48 -16.36 19.05 2.60
C PRO B 48 -17.53 18.43 1.85
N LEU B 49 -17.97 17.26 2.31
CA LEU B 49 -19.10 16.57 1.69
C LEU B 49 -20.09 16.08 2.74
N LYS B 50 -21.36 16.03 2.37
CA LYS B 50 -22.43 15.62 3.26
C LYS B 50 -22.66 14.12 3.21
N VAL B 51 -22.55 13.45 4.37
CA VAL B 51 -22.75 12.01 4.44
C VAL B 51 -24.24 11.67 4.37
N SER B 52 -24.62 10.89 3.36
CA SER B 52 -26.01 10.50 3.17
C SER B 52 -26.32 9.14 3.76
N ASN B 53 -25.59 8.12 3.31
CA ASN B 53 -25.84 6.75 3.75
C ASN B 53 -24.58 5.96 4.04
N VAL B 54 -24.70 4.98 4.94
CA VAL B 54 -23.63 4.02 5.20
C VAL B 54 -24.21 2.62 5.11
N ASP B 55 -24.13 2.01 3.94
CA ASP B 55 -24.73 0.71 3.69
C ASP B 55 -23.66 -0.38 3.58
N THR B 56 -24.09 -1.64 3.76
CA THR B 56 -23.16 -2.77 3.69
C THR B 56 -23.72 -3.90 2.83
N LYS B 57 -22.84 -4.86 2.52
CA LYS B 57 -23.23 -6.09 1.83
C LYS B 57 -22.19 -7.16 2.10
N GLY B 58 -22.46 -8.00 3.10
CA GLY B 58 -21.51 -9.00 3.52
C GLY B 58 -20.46 -8.41 4.45
N LYS B 59 -19.20 -8.49 4.04
CA LYS B 59 -18.10 -7.94 4.83
C LYS B 59 -17.58 -6.65 4.20
N PHE B 60 -18.41 -6.02 3.39
CA PHE B 60 -18.02 -4.80 2.69
C PHE B 60 -18.88 -3.60 3.10
N LEU B 61 -18.23 -2.55 3.57
CA LEU B 61 -18.92 -1.33 3.98
C LEU B 61 -18.47 -0.16 3.11
N TRP B 62 -19.37 0.78 2.87
CA TRP B 62 -19.02 1.97 2.10
C TRP B 62 -19.83 3.20 2.52
N PHE B 63 -19.18 4.36 2.46
CA PHE B 63 -19.84 5.62 2.76
C PHE B 63 -20.40 6.23 1.48
N GLU B 64 -21.41 7.08 1.61
CA GLU B 64 -21.99 7.77 0.46
C GLU B 64 -22.12 9.26 0.74
N LEU B 65 -21.16 10.03 0.24
CA LEU B 65 -21.13 11.46 0.49
C LEU B 65 -21.58 12.25 -0.73
N PHE B 66 -22.05 13.47 -0.50
CA PHE B 66 -22.48 14.36 -1.58
C PHE B 66 -22.39 15.82 -1.15
N ASP B 67 -22.59 16.72 -2.09
CA ASP B 67 -22.60 18.16 -1.83
C ASP B 67 -24.02 18.66 -2.03
N PRO B 68 -24.57 19.38 -1.03
CA PRO B 68 -25.91 19.97 -1.16
C PRO B 68 -26.02 20.94 -2.34
N ASN B 69 -24.89 21.49 -2.77
CA ASN B 69 -24.84 22.39 -3.92
C ASN B 69 -24.80 21.63 -5.24
N ASP B 70 -24.26 20.41 -5.19
CA ASP B 70 -24.20 19.55 -6.37
C ASP B 70 -24.67 18.15 -5.98
N LYS B 71 -25.97 18.00 -5.76
CA LYS B 71 -26.56 16.79 -5.20
C LYS B 71 -26.23 15.52 -5.98
N SER B 72 -26.23 15.63 -7.31
CA SER B 72 -25.99 14.48 -8.17
C SER B 72 -24.53 14.02 -8.15
N ASN B 73 -23.59 14.82 -7.70
CA ASN B 73 -22.24 14.28 -7.71
C ASN B 73 -21.92 13.66 -6.37
N LYS B 74 -21.83 12.34 -6.42
CA LYS B 74 -21.86 11.50 -5.25
C LYS B 74 -20.54 10.83 -5.15
N TRP B 75 -20.02 10.81 -3.95
CA TRP B 75 -18.72 10.19 -3.70
C TRP B 75 -18.89 8.96 -2.80
N TYR B 76 -17.93 8.04 -2.88
CA TYR B 76 -18.02 6.80 -2.12
C TYR B 76 -16.69 6.42 -1.46
N ILE B 77 -16.77 6.01 -0.19
CA ILE B 77 -15.60 5.56 0.55
C ILE B 77 -15.68 4.06 0.78
N TRP B 78 -15.01 3.29 -0.06
CA TRP B 78 -15.02 1.83 0.08
C TRP B 78 -14.21 1.42 1.30
N ASN B 79 -14.59 0.30 1.90
CA ASN B 79 -13.89 -0.20 3.09
C ASN B 79 -14.01 -1.70 3.26
N THR B 80 -12.93 -2.42 2.95
CA THR B 80 -12.89 -3.86 3.16
C THR B 80 -12.33 -4.15 4.55
N PHE B 81 -12.81 -5.24 5.15
CA PHE B 81 -12.41 -5.59 6.51
C PHE B 81 -11.48 -6.80 6.55
N GLY B 82 -10.62 -6.83 7.57
CA GLY B 82 -9.68 -7.92 7.76
C GLY B 82 -9.94 -8.68 9.04
N LEU B 83 -8.87 -8.97 9.78
CA LEU B 83 -8.98 -9.76 11.00
C LEU B 83 -9.18 -8.90 12.25
N THR B 84 -8.60 -7.70 12.23
CA THR B 84 -8.68 -6.81 13.39
C THR B 84 -9.13 -5.40 13.01
N ASP B 85 -10.25 -5.30 12.30
CA ASP B 85 -10.76 -4.00 11.89
C ASP B 85 -11.88 -3.52 12.81
N MET B 86 -11.68 -2.37 13.43
CA MET B 86 -12.68 -1.81 14.35
C MET B 86 -12.81 -0.30 14.18
N TRP B 87 -14.02 0.15 13.87
CA TRP B 87 -14.34 1.57 13.90
C TRP B 87 -14.57 2.00 15.34
N SER B 88 -14.44 3.29 15.61
CA SER B 88 -14.62 3.81 16.96
C SER B 88 -14.91 5.30 16.98
N LEU B 89 -15.60 5.74 18.02
CA LEU B 89 -15.90 7.16 18.20
C LEU B 89 -14.75 7.84 18.94
N PHE B 90 -13.84 7.04 19.48
CA PHE B 90 -12.68 7.54 20.19
C PHE B 90 -11.39 7.01 19.57
N GLU B 91 -10.32 7.79 19.66
CA GLU B 91 -9.04 7.39 19.09
C GLU B 91 -8.45 6.22 19.87
N ALA B 92 -8.76 5.01 19.43
CA ALA B 92 -8.28 3.80 20.09
C ALA B 92 -6.86 3.46 19.65
N LYS B 93 -6.35 2.33 20.15
CA LYS B 93 -5.02 1.87 19.78
C LYS B 93 -5.03 1.39 18.33
N TYR B 94 -3.88 1.52 17.67
CA TYR B 94 -3.75 1.16 16.25
C TYR B 94 -4.69 1.96 15.35
N THR B 95 -4.96 3.20 15.74
CA THR B 95 -5.81 4.08 14.94
C THR B 95 -5.14 4.43 13.62
N ARG B 96 -5.75 3.98 12.52
CA ARG B 96 -5.17 4.17 11.19
C ARG B 96 -5.78 5.38 10.49
N ALA B 97 -7.11 5.46 10.49
CA ALA B 97 -7.80 6.55 9.80
C ALA B 97 -8.48 7.50 10.77
N VAL B 98 -8.36 8.80 10.50
CA VAL B 98 -9.00 9.82 11.32
C VAL B 98 -9.95 10.67 10.47
N LEU B 99 -11.24 10.50 10.70
CA LEU B 99 -12.25 11.23 9.93
C LEU B 99 -12.77 12.43 10.72
N SER B 100 -12.54 13.63 10.18
CA SER B 100 -12.92 14.85 10.86
C SER B 100 -14.23 15.43 10.31
N PHE B 101 -15.28 15.37 11.11
CA PHE B 101 -16.57 15.93 10.72
C PHE B 101 -16.74 17.32 11.32
N ASP B 102 -17.78 18.03 10.87
CA ASP B 102 -18.03 19.39 11.35
C ASP B 102 -18.42 19.40 12.83
N ASN B 103 -18.29 20.58 13.45
CA ASN B 103 -18.63 20.78 14.85
C ASN B 103 -17.87 19.86 15.81
N GLU B 104 -16.59 19.67 15.54
CA GLU B 104 -15.70 18.87 16.39
C GLU B 104 -16.21 17.45 16.61
N LEU B 105 -16.71 16.82 15.54
CA LEU B 105 -17.13 15.44 15.62
C LEU B 105 -16.08 14.55 14.96
N MET B 106 -15.54 13.62 15.75
CA MET B 106 -14.40 12.81 15.30
C MET B 106 -14.77 11.35 15.11
N ALA B 107 -14.33 10.78 13.99
CA ALA B 107 -14.51 9.36 13.71
C ALA B 107 -13.14 8.71 13.57
N TYR B 108 -13.02 7.47 14.03
CA TYR B 108 -11.73 6.78 14.01
C TYR B 108 -11.83 5.34 13.49
N PHE B 109 -10.80 4.90 12.78
CA PHE B 109 -10.72 3.53 12.29
C PHE B 109 -9.45 2.87 12.81
N SER B 110 -9.62 1.75 13.50
CA SER B 110 -8.48 1.04 14.08
C SER B 110 -8.27 -0.32 13.42
N ASP B 111 -7.02 -0.59 13.02
CA ASP B 111 -6.69 -1.86 12.40
C ASP B 111 -5.25 -2.26 12.72
N MET B 112 -5.10 -3.29 13.53
CA MET B 112 -3.78 -3.75 13.97
C MET B 112 -3.02 -4.45 12.84
N ARG B 113 -3.67 -5.42 12.19
CA ARG B 113 -3.03 -6.21 11.16
C ARG B 113 -2.78 -5.40 9.89
N ASN B 114 -3.49 -4.28 9.75
CA ASN B 114 -3.44 -3.46 8.54
C ASN B 114 -3.79 -4.24 7.28
N PHE B 115 -4.84 -5.06 7.38
CA PHE B 115 -5.31 -5.84 6.24
C PHE B 115 -6.54 -5.19 5.62
N GLY B 116 -7.14 -4.25 6.34
CA GLY B 116 -8.29 -3.51 5.84
C GLY B 116 -7.87 -2.48 4.82
N THR B 117 -8.70 -2.28 3.80
CA THR B 117 -8.37 -1.36 2.73
C THR B 117 -9.39 -0.22 2.60
N PHE B 118 -8.95 0.88 2.01
CA PHE B 118 -9.81 2.01 1.71
C PHE B 118 -9.73 2.35 0.23
N LYS B 119 -10.84 2.80 -0.34
CA LYS B 119 -10.85 3.25 -1.73
C LYS B 119 -11.90 4.35 -1.95
N PHE B 120 -11.48 5.44 -2.57
CA PHE B 120 -12.38 6.55 -2.85
C PHE B 120 -12.69 6.62 -4.33
N SER B 121 -13.95 6.35 -4.69
CA SER B 121 -14.38 6.40 -6.08
C SER B 121 -15.38 7.53 -6.30
N ASN B 122 -15.59 7.89 -7.56
CA ASN B 122 -16.54 8.95 -7.90
C ASN B 122 -17.76 8.41 -8.64
N SER B 123 -17.59 7.28 -9.31
CA SER B 123 -18.67 6.69 -10.09
C SER B 123 -19.41 5.59 -9.34
N GLU B 124 -20.73 5.62 -9.40
CA GLU B 124 -21.55 4.59 -8.77
C GLU B 124 -21.51 3.32 -9.61
N LYS B 125 -21.25 3.49 -10.91
CA LYS B 125 -21.17 2.36 -11.83
C LYS B 125 -20.05 1.40 -11.46
N GLU B 126 -18.97 1.95 -10.89
CA GLU B 126 -17.84 1.14 -10.46
C GLU B 126 -18.14 0.48 -9.12
N LEU B 127 -19.07 1.06 -8.37
CA LEU B 127 -19.48 0.53 -7.08
C LEU B 127 -20.46 -0.62 -7.26
N LYS B 128 -21.34 -0.49 -8.24
CA LYS B 128 -22.36 -1.50 -8.50
C LYS B 128 -21.72 -2.81 -8.97
N ARG B 129 -20.66 -2.70 -9.75
CA ARG B 129 -19.95 -3.89 -10.23
C ARG B 129 -19.20 -4.56 -9.08
N LYS B 130 -18.75 -3.76 -8.12
CA LYS B 130 -18.10 -4.28 -6.93
C LYS B 130 -19.06 -5.13 -6.11
N LEU B 131 -20.30 -4.66 -6.00
CA LEU B 131 -21.33 -5.38 -5.26
C LEU B 131 -21.73 -6.66 -5.99
N ASN B 132 -21.51 -6.68 -7.30
CA ASN B 132 -21.83 -7.85 -8.12
C ASN B 132 -20.78 -8.95 -7.97
N GLU B 133 -19.60 -8.57 -7.44
CA GLU B 133 -18.55 -9.54 -7.18
C GLU B 133 -18.83 -10.28 -5.88
N LEU B 134 -19.83 -9.82 -5.14
CA LEU B 134 -20.22 -10.44 -3.88
C LEU B 134 -21.60 -11.07 -4.01
N GLY B 135 -21.78 -12.21 -3.35
CA GLY B 135 -23.07 -12.88 -3.32
C GLY B 135 -24.06 -12.16 -2.44
N PRO B 136 -25.29 -12.67 -2.35
CA PRO B 136 -26.33 -12.05 -1.52
C PRO B 136 -25.98 -12.11 -0.04
N ASP B 137 -26.26 -11.02 0.69
CA ASP B 137 -25.97 -10.95 2.11
C ASP B 137 -26.86 -11.90 2.89
N PHE B 138 -26.25 -12.83 3.63
CA PHE B 138 -26.99 -13.83 4.37
C PHE B 138 -27.86 -13.23 5.48
N LEU B 139 -27.44 -12.09 6.01
CA LEU B 139 -28.15 -11.45 7.11
C LEU B 139 -29.29 -10.55 6.65
N LYS B 140 -29.02 -9.71 5.65
CA LYS B 140 -30.00 -8.72 5.21
C LYS B 140 -30.98 -9.24 4.15
N ASN B 141 -30.62 -10.35 3.50
CA ASN B 141 -31.50 -10.95 2.50
C ASN B 141 -32.15 -12.22 3.03
N ASP B 142 -33.48 -12.29 2.93
CA ASP B 142 -34.23 -13.42 3.46
C ASP B 142 -34.72 -14.35 2.36
N ASP B 143 -34.77 -13.83 1.13
CA ASP B 143 -35.24 -14.61 -0.01
C ASP B 143 -34.08 -15.14 -0.83
N ILE B 144 -33.13 -15.78 -0.17
CA ILE B 144 -31.97 -16.36 -0.85
C ILE B 144 -32.22 -17.81 -1.21
N ASP B 145 -31.99 -18.15 -2.47
CA ASP B 145 -32.17 -19.52 -2.95
C ASP B 145 -30.84 -20.26 -2.92
N ILE B 146 -30.59 -21.01 -1.86
CA ILE B 146 -29.35 -21.74 -1.72
C ILE B 146 -29.43 -23.15 -2.32
N SER B 147 -30.34 -23.33 -3.27
CA SER B 147 -30.48 -24.62 -3.94
C SER B 147 -29.31 -24.86 -4.89
N LYS B 148 -28.54 -23.82 -5.16
CA LYS B 148 -27.39 -23.93 -6.06
C LYS B 148 -26.16 -24.52 -5.37
N ILE B 149 -26.32 -24.88 -4.10
CA ILE B 149 -25.25 -25.55 -3.37
C ILE B 149 -24.99 -26.93 -3.96
N LYS B 150 -26.07 -27.60 -4.37
CA LYS B 150 -25.98 -28.96 -4.90
C LYS B 150 -25.34 -29.03 -6.29
N LYS B 151 -24.91 -27.89 -6.82
CA LYS B 151 -24.27 -27.85 -8.12
C LYS B 151 -22.75 -27.86 -7.99
N TYR B 152 -22.26 -27.63 -6.77
CA TYR B 152 -20.83 -27.59 -6.52
C TYR B 152 -20.32 -28.90 -5.92
N LYS B 153 -19.23 -29.42 -6.48
CA LYS B 153 -18.61 -30.64 -5.97
C LYS B 153 -17.51 -30.31 -4.97
N GLN B 154 -17.78 -29.33 -4.11
CA GLN B 154 -16.81 -28.89 -3.11
C GLN B 154 -17.39 -29.01 -1.70
N PRO B 155 -16.52 -29.18 -0.69
CA PRO B 155 -16.94 -29.24 0.71
C PRO B 155 -17.80 -28.05 1.11
N ILE B 156 -18.81 -28.31 1.93
CA ILE B 156 -19.78 -27.29 2.34
C ILE B 156 -19.12 -26.15 3.12
N VAL B 157 -18.03 -26.46 3.81
CA VAL B 157 -17.33 -25.46 4.62
C VAL B 157 -16.65 -24.42 3.72
N ALA B 158 -16.24 -24.82 2.53
CA ALA B 158 -15.55 -23.93 1.61
C ALA B 158 -16.53 -23.10 0.78
N LEU B 159 -17.76 -23.58 0.66
CA LEU B 159 -18.78 -22.89 -0.12
C LEU B 159 -19.40 -21.74 0.68
N LEU B 160 -19.40 -21.87 2.00
CA LEU B 160 -19.96 -20.84 2.86
C LEU B 160 -18.95 -19.74 3.15
N MET B 161 -17.67 -20.10 3.14
CA MET B 161 -16.59 -19.12 3.29
C MET B 161 -16.49 -18.27 2.03
N ASP B 162 -16.89 -18.86 0.90
CA ASP B 162 -16.86 -18.17 -0.38
C ASP B 162 -17.87 -17.03 -0.38
N GLN B 163 -17.40 -15.82 -0.68
CA GLN B 163 -18.24 -14.63 -0.64
C GLN B 163 -18.83 -14.30 -2.01
N LYS B 164 -19.00 -15.32 -2.85
CA LYS B 164 -19.45 -15.11 -4.22
C LYS B 164 -20.47 -16.14 -4.67
N LYS B 165 -20.14 -17.41 -4.52
CA LYS B 165 -20.95 -18.51 -5.04
C LYS B 165 -22.37 -18.52 -4.49
N ILE B 166 -22.51 -18.70 -3.19
CA ILE B 166 -23.83 -18.80 -2.57
C ILE B 166 -24.25 -17.49 -1.92
N GLY B 167 -23.34 -16.87 -1.17
CA GLY B 167 -23.64 -15.60 -0.52
C GLY B 167 -22.45 -15.01 0.21
N SER B 168 -22.65 -13.84 0.79
CA SER B 168 -21.58 -13.16 1.52
C SER B 168 -21.98 -12.91 2.98
N GLY B 169 -20.97 -12.70 3.82
CA GLY B 169 -21.21 -12.40 5.22
C GLY B 169 -20.58 -13.41 6.16
N LEU B 170 -20.67 -14.69 5.80
CA LEU B 170 -20.16 -15.76 6.65
C LEU B 170 -18.62 -15.80 6.64
N GLY B 171 -18.05 -15.93 7.83
CA GLY B 171 -16.60 -16.02 7.98
C GLY B 171 -16.22 -17.31 8.69
N ASN B 172 -15.03 -17.32 9.27
CA ASN B 172 -14.48 -18.55 9.85
C ASN B 172 -15.31 -19.14 11.00
N TYR B 173 -15.64 -18.31 11.98
CA TYR B 173 -16.34 -18.82 13.16
C TYR B 173 -17.83 -19.07 12.92
N LEU B 174 -18.44 -18.24 12.08
CA LEU B 174 -19.86 -18.39 11.76
C LEU B 174 -20.16 -19.71 11.05
N VAL B 175 -19.32 -20.04 10.07
CA VAL B 175 -19.48 -21.29 9.33
C VAL B 175 -19.36 -22.50 10.26
N ALA B 176 -18.39 -22.47 11.16
CA ALA B 176 -18.17 -23.56 12.09
C ALA B 176 -19.37 -23.76 13.02
N GLU B 177 -20.00 -22.66 13.43
CA GLU B 177 -21.14 -22.73 14.33
C GLU B 177 -22.39 -23.27 13.64
N ILE B 178 -22.62 -22.84 12.40
CA ILE B 178 -23.78 -23.26 11.64
C ILE B 178 -23.75 -24.76 11.35
N LEU B 179 -22.59 -25.25 10.93
CA LEU B 179 -22.43 -26.67 10.58
C LEU B 179 -22.65 -27.59 11.79
N TYR B 180 -22.42 -27.06 12.99
CA TYR B 180 -22.67 -27.82 14.20
C TYR B 180 -24.15 -27.78 14.54
N ARG B 181 -24.78 -26.63 14.34
CA ARG B 181 -26.20 -26.46 14.60
C ARG B 181 -27.03 -27.30 13.64
N ALA B 182 -26.61 -27.34 12.38
CA ALA B 182 -27.32 -28.08 11.35
C ALA B 182 -26.88 -29.53 11.28
N LYS B 183 -25.90 -29.88 12.11
CA LYS B 183 -25.34 -31.23 12.17
C LYS B 183 -24.85 -31.71 10.80
N ILE B 184 -23.92 -30.97 10.22
CA ILE B 184 -23.40 -31.29 8.89
C ILE B 184 -21.89 -31.44 8.89
N ASP B 185 -21.41 -32.56 8.36
CA ASP B 185 -19.98 -32.79 8.22
C ASP B 185 -19.40 -31.81 7.21
N PRO B 186 -18.42 -31.00 7.64
CA PRO B 186 -17.80 -29.98 6.78
C PRO B 186 -17.00 -30.58 5.63
N HIS B 187 -16.80 -31.89 5.65
CA HIS B 187 -16.07 -32.57 4.58
C HIS B 187 -16.99 -33.01 3.45
N LYS B 188 -18.29 -33.04 3.72
CA LYS B 188 -19.26 -33.45 2.71
C LYS B 188 -19.38 -32.41 1.60
N LEU B 189 -19.37 -32.89 0.35
CA LEU B 189 -19.51 -32.02 -0.80
C LEU B 189 -20.88 -31.37 -0.82
N GLY B 190 -20.97 -30.20 -1.43
CA GLY B 190 -22.23 -29.48 -1.54
C GLY B 190 -23.21 -30.20 -2.44
N SER B 191 -22.69 -30.95 -3.40
CA SER B 191 -23.52 -31.67 -4.35
C SER B 191 -24.12 -32.93 -3.73
N ASN B 192 -23.51 -33.42 -2.66
CA ASN B 192 -23.97 -34.62 -1.99
C ASN B 192 -24.99 -34.34 -0.90
N LEU B 193 -25.27 -33.06 -0.68
CA LEU B 193 -26.27 -32.65 0.31
C LEU B 193 -27.68 -32.98 -0.18
N THR B 194 -28.55 -33.37 0.75
CA THR B 194 -29.94 -33.68 0.41
C THR B 194 -30.75 -32.41 0.25
N ASP B 195 -32.07 -32.55 0.29
CA ASP B 195 -32.97 -31.40 0.22
C ASP B 195 -33.46 -31.06 1.62
N GLN B 196 -33.47 -32.05 2.50
CA GLN B 196 -33.85 -31.86 3.89
C GLN B 196 -32.76 -31.12 4.65
N GLU B 197 -31.51 -31.35 4.25
CA GLU B 197 -30.37 -30.72 4.90
C GLU B 197 -30.19 -29.28 4.42
N ILE B 198 -30.60 -29.00 3.19
CA ILE B 198 -30.53 -27.65 2.63
C ILE B 198 -31.46 -26.70 3.36
N GLU B 199 -32.72 -27.12 3.52
CA GLU B 199 -33.70 -26.30 4.24
C GLU B 199 -33.34 -26.22 5.73
N ASN B 200 -32.59 -27.22 6.20
CA ASN B 200 -32.12 -27.23 7.57
C ASN B 200 -30.94 -26.27 7.75
N LEU B 201 -30.05 -26.27 6.76
CA LEU B 201 -28.89 -25.39 6.76
C LEU B 201 -29.33 -23.92 6.65
N TRP B 202 -30.32 -23.68 5.79
CA TRP B 202 -30.81 -22.32 5.57
C TRP B 202 -31.42 -21.72 6.84
N TYR B 203 -32.04 -22.56 7.65
CA TYR B 203 -32.62 -22.11 8.91
C TYR B 203 -31.54 -21.62 9.87
N TRP B 204 -30.46 -22.40 9.99
CA TRP B 204 -29.39 -22.07 10.92
C TRP B 204 -28.51 -20.94 10.41
N ILE B 205 -28.50 -20.74 9.10
CA ILE B 205 -27.78 -19.60 8.52
C ILE B 205 -28.45 -18.31 8.96
N LYS B 206 -29.78 -18.26 8.85
CA LYS B 206 -30.55 -17.12 9.30
C LYS B 206 -30.47 -16.99 10.82
N TYR B 207 -30.39 -18.14 11.49
CA TYR B 207 -30.36 -18.19 12.94
C TYR B 207 -29.07 -17.60 13.50
N GLU B 208 -27.94 -18.06 12.99
CA GLU B 208 -26.64 -17.63 13.50
C GLU B 208 -26.28 -16.21 13.09
N THR B 209 -26.66 -15.81 11.88
CA THR B 209 -26.37 -14.45 11.40
C THR B 209 -27.16 -13.41 12.18
N LYS B 210 -28.39 -13.72 12.53
CA LYS B 210 -29.23 -12.81 13.31
C LYS B 210 -28.76 -12.75 14.76
N LEU B 211 -28.42 -13.91 15.30
CA LEU B 211 -27.95 -14.02 16.68
C LEU B 211 -26.66 -13.24 16.89
N ALA B 212 -25.75 -13.35 15.93
CA ALA B 212 -24.48 -12.64 16.00
C ALA B 212 -24.67 -11.14 15.80
N TYR B 213 -25.72 -10.79 15.07
CA TYR B 213 -26.04 -9.39 14.81
C TYR B 213 -26.68 -8.73 16.03
N ASP B 214 -27.48 -9.50 16.76
CA ASP B 214 -28.20 -8.97 17.92
C ASP B 214 -27.32 -8.96 19.18
N SER B 215 -26.11 -9.47 19.06
CA SER B 215 -25.20 -9.53 20.20
C SER B 215 -24.49 -8.20 20.43
N ASN B 216 -24.17 -7.92 21.69
CA ASN B 216 -23.52 -6.67 22.05
C ASN B 216 -22.01 -6.81 22.20
N HIS B 217 -21.59 -7.87 22.89
CA HIS B 217 -20.17 -8.14 23.11
C HIS B 217 -19.77 -9.50 22.56
N ILE B 218 -19.29 -9.51 21.32
CA ILE B 218 -18.91 -10.76 20.66
C ILE B 218 -17.39 -10.96 20.66
N GLY B 219 -16.64 -9.86 20.81
CA GLY B 219 -15.20 -9.94 20.91
C GLY B 219 -14.44 -9.41 19.72
N TYR B 220 -15.14 -9.13 18.63
CA TYR B 220 -14.48 -8.64 17.42
C TYR B 220 -14.88 -7.20 17.08
N MET B 221 -15.69 -6.57 17.90
CA MET B 221 -16.01 -5.18 17.68
C MET B 221 -16.03 -4.51 19.04
N VAL B 222 -14.92 -4.59 19.75
CA VAL B 222 -14.80 -4.11 21.11
C VAL B 222 -14.95 -2.60 21.34
N ASN B 223 -14.37 -1.82 20.44
CA ASN B 223 -14.44 -0.36 20.47
C ASN B 223 -15.85 0.19 20.29
N LEU B 224 -16.80 -0.69 19.97
CA LEU B 224 -18.19 -0.28 19.80
C LEU B 224 -19.15 -1.11 20.65
N GLU B 225 -18.62 -1.74 21.69
CA GLU B 225 -19.45 -2.55 22.59
C GLU B 225 -20.40 -1.68 23.39
N ASN B 226 -19.91 -0.53 23.84
CA ASN B 226 -20.75 0.42 24.59
C ASN B 226 -21.78 1.08 23.69
N GLU B 227 -21.48 1.14 22.39
CA GLU B 227 -22.38 1.75 21.43
C GLU B 227 -23.43 0.74 20.95
N SER B 228 -23.06 -0.54 21.01
CA SER B 228 -23.95 -1.61 20.58
C SER B 228 -25.12 -1.81 21.54
N SER B 229 -24.85 -1.59 22.82
CA SER B 229 -25.86 -1.75 23.85
C SER B 229 -26.81 -0.57 23.91
N LYS B 230 -26.43 0.53 23.25
CA LYS B 230 -27.24 1.73 23.22
C LYS B 230 -27.88 1.96 21.85
N ILE B 231 -28.00 0.88 21.08
CA ILE B 231 -28.63 0.95 19.76
C ILE B 231 -29.45 -0.31 19.49
N GLY B 232 -30.52 -0.14 18.71
CA GLY B 232 -31.40 -1.26 18.39
C GLY B 232 -30.88 -2.10 17.23
N ARG B 233 -31.61 -3.16 16.91
CA ARG B 233 -31.24 -4.05 15.82
C ARG B 233 -32.36 -4.15 14.80
N LYS B 234 -32.01 -3.99 13.52
CA LYS B 234 -32.98 -4.12 12.44
C LYS B 234 -33.53 -5.55 12.40
N ASN B 235 -34.84 -5.67 12.23
CA ASN B 235 -35.49 -6.97 12.25
C ASN B 235 -35.18 -7.80 11.00
N TYR B 236 -33.96 -8.33 10.93
CA TYR B 236 -33.58 -9.23 9.85
C TYR B 236 -34.09 -10.64 10.15
N HIS B 237 -34.57 -11.31 9.12
CA HIS B 237 -35.22 -12.62 9.25
C HIS B 237 -36.32 -12.56 10.31
N PRO B 238 -37.44 -11.89 10.01
CA PRO B 238 -38.52 -11.64 10.96
C PRO B 238 -39.17 -12.93 11.48
N ASN B 239 -39.06 -14.01 10.72
CA ASN B 239 -39.67 -15.27 11.11
C ASN B 239 -38.71 -16.19 11.84
N ILE B 240 -37.54 -15.66 12.20
CA ILE B 240 -36.53 -16.42 12.92
C ILE B 240 -36.21 -15.75 14.26
N HIS B 241 -36.38 -16.51 15.34
CA HIS B 241 -36.12 -15.98 16.68
C HIS B 241 -35.15 -16.86 17.46
N PRO B 242 -33.97 -16.32 17.79
CA PRO B 242 -32.97 -17.04 18.59
C PRO B 242 -33.36 -17.12 20.05
N THR B 243 -33.18 -18.29 20.65
CA THR B 243 -33.53 -18.49 22.06
C THR B 243 -32.53 -17.75 22.96
N GLU B 244 -31.27 -17.81 22.59
CA GLU B 244 -30.21 -17.16 23.37
C GLU B 244 -30.33 -15.64 23.31
N LYS B 245 -29.70 -14.96 24.26
CA LYS B 245 -29.69 -13.50 24.29
C LYS B 245 -28.33 -12.97 23.87
N GLU B 246 -27.35 -13.85 23.81
CA GLU B 246 -26.00 -13.48 23.42
C GLU B 246 -25.34 -14.63 22.67
N PHE B 247 -24.53 -14.29 21.65
CA PHE B 247 -23.85 -15.29 20.85
C PHE B 247 -22.82 -16.06 21.67
N ASP B 248 -22.85 -17.37 21.56
CA ASP B 248 -21.90 -18.21 22.29
C ASP B 248 -21.26 -19.24 21.36
N PHE B 249 -19.94 -19.41 21.50
CA PHE B 249 -19.21 -20.38 20.69
C PHE B 249 -19.42 -21.79 21.24
N LEU B 250 -19.93 -22.68 20.41
CA LEU B 250 -20.18 -24.06 20.82
C LEU B 250 -19.07 -24.99 20.36
N VAL B 251 -18.34 -24.58 19.32
CA VAL B 251 -17.25 -25.40 18.78
C VAL B 251 -16.00 -24.57 18.44
N TYR B 252 -16.20 -23.30 18.10
CA TYR B 252 -15.11 -22.45 17.65
C TYR B 252 -14.07 -22.21 18.74
N ARG B 253 -12.81 -22.55 18.43
CA ARG B 253 -11.69 -22.42 19.35
C ARG B 253 -11.93 -23.12 20.69
N LYS B 254 -12.63 -24.25 20.64
CA LYS B 254 -12.87 -25.06 21.82
C LYS B 254 -12.45 -26.50 21.58
N LYS B 255 -12.38 -27.29 22.64
CA LYS B 255 -12.01 -28.68 22.53
C LYS B 255 -13.17 -29.58 22.94
N LYS B 256 -14.23 -28.97 23.46
CA LYS B 256 -15.42 -29.70 23.89
C LYS B 256 -16.69 -28.91 23.60
N ASP B 257 -17.74 -29.61 23.19
CA ASP B 257 -19.04 -28.98 23.00
C ASP B 257 -19.83 -29.00 24.31
N PRO B 258 -20.94 -28.26 24.39
CA PRO B 258 -21.78 -28.32 25.58
C PRO B 258 -22.27 -29.73 25.92
N ASN B 259 -22.24 -30.64 24.94
CA ASN B 259 -22.66 -32.02 25.16
C ASN B 259 -21.56 -32.88 25.77
N GLY B 260 -20.31 -32.52 25.51
CA GLY B 260 -19.18 -33.26 26.05
C GLY B 260 -18.30 -33.88 24.99
N ASN B 261 -18.76 -33.87 23.75
CA ASN B 261 -17.99 -34.42 22.64
C ASN B 261 -16.85 -33.49 22.27
N LYS B 262 -15.74 -34.07 21.80
CA LYS B 262 -14.57 -33.27 21.45
C LYS B 262 -14.68 -32.61 20.07
N VAL B 263 -13.99 -31.49 19.91
CA VAL B 263 -14.02 -30.73 18.68
C VAL B 263 -12.66 -30.78 17.99
N ILE B 264 -12.66 -31.07 16.70
CA ILE B 264 -11.42 -31.17 15.93
C ILE B 264 -11.03 -29.85 15.29
N ALA B 265 -9.78 -29.43 15.49
CA ALA B 265 -9.23 -28.26 14.81
C ALA B 265 -8.65 -28.70 13.48
N ASP B 266 -9.49 -28.71 12.44
CA ASP B 266 -9.12 -29.29 11.16
C ASP B 266 -8.78 -28.24 10.10
N LYS B 267 -7.72 -28.49 9.35
CA LYS B 267 -7.35 -27.63 8.22
C LYS B 267 -7.91 -28.20 6.93
N ILE B 268 -9.10 -27.74 6.55
CA ILE B 268 -9.77 -28.24 5.36
C ILE B 268 -9.61 -27.31 4.17
N ILE B 269 -9.77 -26.00 4.42
CA ILE B 269 -9.75 -25.01 3.36
C ILE B 269 -8.38 -24.35 3.20
N GLY B 270 -7.96 -24.16 1.96
CA GLY B 270 -6.74 -23.43 1.66
C GLY B 270 -5.49 -24.28 1.62
N SER B 271 -4.36 -23.63 1.36
CA SER B 271 -3.07 -24.30 1.26
C SER B 271 -1.96 -23.29 1.49
N GLY B 272 -0.71 -23.75 1.36
CA GLY B 272 0.44 -22.89 1.53
C GLY B 272 0.48 -22.18 2.87
N LYS B 273 0.07 -20.92 2.88
CA LYS B 273 0.03 -20.12 4.11
C LYS B 273 -1.28 -19.34 4.24
N ASN B 274 -2.32 -19.81 3.56
CA ASN B 274 -3.65 -19.22 3.69
C ASN B 274 -4.66 -20.21 4.27
N LYS B 275 -4.13 -21.25 4.91
CA LYS B 275 -4.97 -22.29 5.51
C LYS B 275 -5.73 -21.77 6.72
N ARG B 276 -7.00 -22.16 6.83
CA ARG B 276 -7.84 -21.76 7.95
C ARG B 276 -8.09 -22.97 8.85
N THR B 277 -8.81 -22.76 9.95
CA THR B 277 -9.13 -23.83 10.87
C THR B 277 -10.62 -24.00 11.06
N THR B 278 -11.14 -25.17 10.69
CA THR B 278 -12.56 -25.46 10.83
C THR B 278 -12.82 -26.34 12.05
N TYR B 279 -13.52 -25.78 13.04
CA TYR B 279 -13.84 -26.51 14.26
C TYR B 279 -15.17 -27.23 14.14
N TRP B 280 -15.18 -28.53 14.41
CA TRP B 280 -16.39 -29.33 14.31
C TRP B 280 -16.33 -30.56 15.20
N ALA B 281 -17.50 -31.05 15.61
CA ALA B 281 -17.58 -32.25 16.43
C ALA B 281 -18.16 -33.41 15.63
N PRO B 282 -17.33 -34.43 15.36
CA PRO B 282 -17.70 -35.61 14.57
C PRO B 282 -18.87 -36.39 15.17
N ALA B 283 -18.99 -36.36 16.50
CA ALA B 283 -20.06 -37.08 17.18
C ALA B 283 -21.42 -36.49 16.84
N ILE B 284 -21.45 -35.17 16.64
CA ILE B 284 -22.68 -34.49 16.26
C ILE B 284 -22.75 -34.30 14.74
N GLN B 285 -21.63 -33.89 14.16
CA GLN B 285 -21.57 -33.67 12.71
C GLN B 285 -21.01 -34.89 11.99
#